data_7WC4
#
_entry.id   7WC4
#
_cell.length_a   49.900
_cell.length_b   54.730
_cell.length_c   178.020
_cell.angle_alpha   90.000
_cell.angle_beta   90.000
_cell.angle_gamma   90.000
#
_symmetry.space_group_name_H-M   'P 21 2 21'
#
loop_
_entity.id
_entity.type
_entity.pdbx_description
1 polymer '5-hydroxytryptamine receptor 2A,5-hydroxytryptamine receptor 2A,5-hydroxytryptamine receptor 2A,Soluble cytochrome b562'
2 non-polymer CHOLESTEROL
3 non-polymer 'PENTAETHYLENE GLYCOL'
4 non-polymer '(2R)-2,3-dihydroxypropyl (9Z)-octadec-9-enoate'
5 non-polymer 'MAGNESIUM ION'
6 non-polymer SEROTONIN
7 water water
#
_entity_poly.entity_id   1
_entity_poly.type   'polypeptide(L)'
_entity_poly.pdbx_seq_one_letter_code
;SLLHLQEKNWSALLTAVVIILTIAGNILVIMAVSLEKKLQNATNYFLMSLAIADMLLGFLVMPVSMLTILYGYRWPLPSK
LCAVWIYLDVLFSTAKIWHLCAISLDRYVAIQNPIHHSRFNSRTKAFLKIIAVWTISVGISMPIPVFGLQDDSKVFKEGS
CLLADDNFVLIGSFVSFFIPLTIMVITYFLTIKSLQKEAADLEDNWETLNDNLKVIEKADNAAQVKDALTKMRAAALDAG
SGSGDILVGQIDDALKLANEGKVKEAQAAAEQLKTTINAYIQKYGQSISNEQKACKVLGIVFFLFVVMWCPFFITNIMAV
ICKESCNEDVIGALLNVFVWIGYLNSAVNPLVYTLFNKTYRSAFSRYIQCQYKENK
;
_entity_poly.pdbx_strand_id   A
#
# COMPACT_ATOMS: atom_id res chain seq x y z
N SER A 1 -28.88 -32.76 21.02
CA SER A 1 -27.81 -32.03 21.72
C SER A 1 -26.77 -31.58 20.67
N LEU A 2 -26.07 -30.46 20.92
CA LEU A 2 -24.96 -29.93 20.07
C LEU A 2 -23.95 -29.19 20.96
N LEU A 3 -23.10 -28.33 20.37
CA LEU A 3 -21.91 -27.65 20.98
C LEU A 3 -20.92 -28.70 21.52
N HIS A 4 -20.52 -29.65 20.69
CA HIS A 4 -19.60 -30.74 21.10
C HIS A 4 -18.19 -30.38 20.63
N LEU A 5 -17.23 -30.41 21.56
CA LEU A 5 -15.76 -30.45 21.28
C LEU A 5 -15.45 -31.75 20.50
N GLN A 6 -14.67 -31.66 19.40
CA GLN A 6 -14.35 -32.85 18.57
C GLN A 6 -12.81 -33.01 18.43
N GLU A 7 -12.37 -33.90 17.50
CA GLU A 7 -10.93 -34.21 17.24
C GLU A 7 -10.47 -33.54 15.94
N LYS A 8 -10.86 -32.29 15.67
CA LYS A 8 -10.31 -31.52 14.50
C LYS A 8 -9.00 -30.82 14.90
N ASN A 9 -7.96 -31.59 15.22
CA ASN A 9 -6.80 -31.05 15.98
C ASN A 9 -5.52 -31.01 15.15
N TRP A 10 -5.58 -31.47 13.89
CA TRP A 10 -4.63 -31.06 12.82
C TRP A 10 -4.74 -29.55 12.67
N SER A 11 -6.00 -29.07 12.60
CA SER A 11 -6.38 -27.65 12.41
C SER A 11 -5.95 -26.81 13.62
N ALA A 12 -6.08 -27.34 14.82
CA ALA A 12 -5.77 -26.60 16.06
C ALA A 12 -4.28 -26.24 16.08
N LEU A 13 -3.42 -27.15 15.65
CA LEU A 13 -1.96 -26.86 15.65
C LEU A 13 -1.65 -25.91 14.49
N LEU A 14 -2.26 -26.09 13.32
CA LEU A 14 -1.94 -25.24 12.15
C LEU A 14 -2.44 -23.82 12.39
N THR A 15 -3.64 -23.64 12.94
CA THR A 15 -4.24 -22.28 13.06
C THR A 15 -3.54 -21.48 14.16
N ALA A 16 -2.96 -22.15 15.15
CA ALA A 16 -2.22 -21.50 16.25
C ALA A 16 -0.97 -20.82 15.68
N VAL A 17 -0.36 -21.44 14.69
CA VAL A 17 0.90 -20.96 14.08
C VAL A 17 0.61 -19.62 13.41
N VAL A 18 -0.49 -19.55 12.64
CA VAL A 18 -0.90 -18.35 11.83
C VAL A 18 -1.23 -17.18 12.76
N ILE A 19 -1.74 -17.46 13.95
CA ILE A 19 -2.13 -16.39 14.90
C ILE A 19 -0.85 -15.70 15.40
N ILE A 20 0.19 -16.46 15.72
CA ILE A 20 1.41 -15.85 16.32
C ILE A 20 2.18 -15.07 15.25
N LEU A 21 2.34 -15.65 14.07
CA LEU A 21 3.02 -14.99 12.94
C LEU A 21 2.31 -13.69 12.60
N THR A 22 0.99 -13.65 12.74
CA THR A 22 0.24 -12.39 12.54
C THR A 22 0.61 -11.41 13.65
N ILE A 23 0.50 -11.89 14.88
CA ILE A 23 0.64 -11.01 16.06
C ILE A 23 2.10 -10.56 16.14
N ALA A 24 3.05 -11.49 16.04
CA ALA A 24 4.50 -11.18 16.13
C ALA A 24 4.96 -10.40 14.91
N GLY A 25 4.42 -10.68 13.75
CA GLY A 25 4.83 -9.96 12.54
C GLY A 25 4.41 -8.50 12.63
N ASN A 26 3.16 -8.28 12.94
CA ASN A 26 2.63 -6.91 12.77
C ASN A 26 2.97 -6.06 13.97
N ILE A 27 3.31 -6.67 15.10
CA ILE A 27 3.85 -5.91 16.26
C ILE A 27 5.19 -5.31 15.85
N LEU A 28 6.02 -6.08 15.15
CA LEU A 28 7.35 -5.63 14.72
C LEU A 28 7.21 -4.49 13.73
N VAL A 29 6.21 -4.48 12.86
CA VAL A 29 5.93 -3.36 11.92
C VAL A 29 5.50 -2.12 12.71
N ILE A 30 4.66 -2.27 13.72
CA ILE A 30 4.16 -1.13 14.53
C ILE A 30 5.35 -0.57 15.30
N MET A 31 6.21 -1.43 15.80
CA MET A 31 7.45 -1.01 16.50
C MET A 31 8.41 -0.34 15.49
N ALA A 32 8.40 -0.74 14.22
CA ALA A 32 9.35 -0.21 13.21
C ALA A 32 8.97 1.25 12.94
N VAL A 33 7.69 1.53 12.70
CA VAL A 33 7.26 2.91 12.31
C VAL A 33 7.34 3.83 13.54
N SER A 34 7.03 3.29 14.73
CA SER A 34 7.00 4.07 15.99
C SER A 34 8.43 4.45 16.40
N LEU A 35 9.46 3.74 15.94
CA LEU A 35 10.80 3.93 16.52
C LEU A 35 11.77 4.35 15.42
N GLU A 36 11.84 3.63 14.31
CA GLU A 36 12.85 3.93 13.27
C GLU A 36 12.47 5.23 12.56
N LYS A 37 13.44 6.10 12.33
CA LYS A 37 13.19 7.47 11.79
C LYS A 37 13.48 7.54 10.30
N LYS A 38 13.92 6.45 9.65
CA LYS A 38 13.89 6.45 8.16
C LYS A 38 12.49 6.05 7.67
N LEU A 39 11.51 5.80 8.55
CA LEU A 39 10.15 5.32 8.19
C LEU A 39 9.10 6.38 8.47
N GLN A 40 9.46 7.65 8.56
CA GLN A 40 8.48 8.63 9.06
C GLN A 40 7.75 9.31 7.90
N ASN A 41 7.22 8.55 6.95
CA ASN A 41 6.42 9.15 5.87
C ASN A 41 5.03 8.53 5.86
N ALA A 42 4.12 9.18 5.14
CA ALA A 42 2.66 8.96 5.15
C ALA A 42 2.36 7.53 4.67
N THR A 43 3.15 7.02 3.72
CA THR A 43 2.99 5.65 3.22
C THR A 43 3.33 4.67 4.33
N ASN A 44 4.44 4.87 5.04
CA ASN A 44 4.83 3.92 6.09
C ASN A 44 3.86 4.08 7.25
N TYR A 45 3.29 5.26 7.43
CA TYR A 45 2.31 5.49 8.52
C TYR A 45 1.06 4.65 8.28
N PHE A 46 0.61 4.58 7.03
CA PHE A 46 -0.56 3.75 6.69
C PHE A 46 -0.20 2.29 6.95
N LEU A 47 1.02 1.87 6.60
CA LEU A 47 1.39 0.44 6.74
C LEU A 47 1.38 0.04 8.22
N MET A 48 1.63 0.99 9.13
CA MET A 48 1.49 0.74 10.59
C MET A 48 0.03 0.46 10.94
N SER A 49 -0.85 1.32 10.43
CA SER A 49 -2.29 1.27 10.72
C SER A 49 -2.89 0.02 10.07
N LEU A 50 -2.32 -0.36 8.93
CA LEU A 50 -2.66 -1.64 8.29
C LEU A 50 -2.26 -2.77 9.25
N ALA A 51 -1.11 -2.66 9.89
CA ALA A 51 -0.57 -3.72 10.77
C ALA A 51 -1.28 -3.68 12.12
N ILE A 52 -1.87 -2.54 12.52
CA ILE A 52 -2.71 -2.50 13.76
C ILE A 52 -3.97 -3.32 13.47
N ALA A 53 -4.57 -3.10 12.30
CA ALA A 53 -5.75 -3.85 11.77
C ALA A 53 -5.44 -5.36 11.67
N ASP A 54 -4.30 -5.71 11.11
CA ASP A 54 -3.84 -7.12 11.00
C ASP A 54 -3.66 -7.72 12.38
N MET A 55 -3.05 -7.00 13.30
CA MET A 55 -2.73 -7.57 14.62
C MET A 55 -4.03 -7.79 15.43
N LEU A 56 -4.94 -6.83 15.42
CA LEU A 56 -6.24 -6.96 16.11
C LEU A 56 -7.06 -8.06 15.47
N LEU A 57 -6.86 -8.34 14.19
CA LEU A 57 -7.49 -9.52 13.56
C LEU A 57 -6.84 -10.76 14.19
N GLY A 58 -5.55 -10.73 14.51
CA GLY A 58 -4.89 -11.91 15.09
C GLY A 58 -5.35 -12.14 16.52
N PHE A 59 -5.72 -11.07 17.23
CA PHE A 59 -6.15 -11.17 18.66
C PHE A 59 -7.61 -11.60 18.70
N LEU A 60 -8.46 -10.95 17.94
CA LEU A 60 -9.91 -10.94 18.29
C LEU A 60 -10.70 -11.89 17.40
N VAL A 61 -10.27 -12.08 16.17
CA VAL A 61 -11.09 -12.80 15.16
C VAL A 61 -10.56 -14.22 14.99
N MET A 62 -9.27 -14.34 14.72
CA MET A 62 -8.62 -15.63 14.40
C MET A 62 -8.69 -16.62 15.58
N PRO A 63 -8.54 -16.29 16.91
CA PRO A 63 -8.76 -17.31 17.96
C PRO A 63 -10.17 -17.88 18.06
N VAL A 64 -11.16 -17.02 17.88
CA VAL A 64 -12.60 -17.39 17.87
C VAL A 64 -12.87 -18.26 16.65
N SER A 65 -12.24 -17.93 15.53
CA SER A 65 -12.37 -18.67 14.26
C SER A 65 -11.79 -20.07 14.43
N MET A 66 -10.70 -20.17 15.17
CA MET A 66 -10.09 -21.46 15.55
C MET A 66 -11.06 -22.22 16.46
N LEU A 67 -11.65 -21.51 17.42
CA LEU A 67 -12.44 -22.08 18.53
C LEU A 67 -13.68 -22.76 17.97
N THR A 68 -14.27 -22.19 16.91
CA THR A 68 -15.40 -22.79 16.18
C THR A 68 -14.97 -24.13 15.58
N ILE A 69 -13.80 -24.22 14.97
CA ILE A 69 -13.30 -25.49 14.35
C ILE A 69 -13.11 -26.52 15.46
N LEU A 70 -12.79 -26.07 16.67
CA LEU A 70 -12.63 -26.96 17.82
C LEU A 70 -13.98 -27.45 18.33
N TYR A 71 -15.07 -26.73 18.09
CA TYR A 71 -16.41 -27.20 18.53
C TYR A 71 -17.24 -27.56 17.29
N GLY A 72 -16.61 -28.20 16.28
CA GLY A 72 -17.27 -28.78 15.09
C GLY A 72 -18.04 -27.79 14.23
N TYR A 73 -17.68 -26.50 14.31
CA TYR A 73 -18.29 -25.27 13.69
C TYR A 73 -19.62 -24.87 14.34
N ARG A 74 -20.10 -25.64 15.33
CA ARG A 74 -21.19 -25.17 16.22
C ARG A 74 -20.56 -24.15 17.18
N TRP A 75 -21.30 -23.05 17.41
CA TRP A 75 -20.84 -21.76 17.99
C TRP A 75 -20.85 -21.77 19.51
N PRO A 76 -19.68 -21.83 20.20
CA PRO A 76 -19.63 -22.04 21.64
C PRO A 76 -19.97 -20.85 22.56
N LEU A 77 -19.86 -19.61 22.08
CA LEU A 77 -19.98 -18.41 22.95
C LEU A 77 -21.46 -18.05 23.03
N PRO A 78 -21.86 -17.04 23.84
CA PRO A 78 -23.15 -16.36 23.65
C PRO A 78 -23.51 -15.90 22.23
N SER A 79 -24.80 -15.92 21.94
CA SER A 79 -25.34 -15.79 20.57
C SER A 79 -25.20 -14.33 20.12
N LYS A 80 -25.27 -13.39 21.07
CA LYS A 80 -25.09 -11.95 20.69
C LYS A 80 -23.59 -11.64 20.52
N LEU A 81 -22.69 -12.59 20.82
CA LEU A 81 -21.25 -12.42 20.47
C LEU A 81 -20.98 -12.99 19.07
N CYS A 82 -21.98 -13.51 18.38
CA CYS A 82 -21.74 -13.95 17.01
C CYS A 82 -21.64 -12.73 16.12
N ALA A 83 -22.66 -11.87 16.20
CA ALA A 83 -22.76 -10.63 15.38
C ALA A 83 -21.64 -9.61 15.72
N VAL A 84 -21.02 -9.69 16.90
CA VAL A 84 -19.84 -8.83 17.25
C VAL A 84 -18.62 -9.35 16.49
N TRP A 85 -18.44 -10.67 16.50
CA TRP A 85 -17.27 -11.34 15.90
C TRP A 85 -17.31 -11.21 14.38
N ILE A 86 -18.50 -11.24 13.76
CA ILE A 86 -18.58 -11.00 12.28
C ILE A 86 -18.20 -9.54 12.05
N TYR A 87 -18.69 -8.65 12.91
CA TYR A 87 -18.49 -7.18 12.75
C TYR A 87 -17.01 -6.89 12.84
N LEU A 88 -16.27 -7.59 13.68
CA LEU A 88 -14.82 -7.27 13.79
C LEU A 88 -14.10 -7.88 12.61
N ASP A 89 -14.49 -9.10 12.21
CA ASP A 89 -13.84 -9.81 11.08
C ASP A 89 -13.93 -8.92 9.85
N VAL A 90 -15.13 -8.41 9.58
CA VAL A 90 -15.42 -7.62 8.36
C VAL A 90 -14.82 -6.23 8.51
N LEU A 91 -14.80 -5.62 9.71
CA LEU A 91 -14.20 -4.27 9.96
C LEU A 91 -12.71 -4.25 9.64
N PHE A 92 -11.95 -5.24 10.11
CA PHE A 92 -10.48 -5.24 9.96
C PHE A 92 -10.12 -5.50 8.50
N SER A 93 -10.92 -6.31 7.81
CA SER A 93 -10.68 -6.60 6.38
C SER A 93 -11.08 -5.37 5.58
N THR A 94 -12.16 -4.68 5.96
CA THR A 94 -12.60 -3.47 5.23
C THR A 94 -11.60 -2.36 5.49
N ALA A 95 -11.08 -2.24 6.70
CA ALA A 95 -10.04 -1.23 7.01
C ALA A 95 -8.74 -1.56 6.23
N LYS A 96 -8.42 -2.84 6.00
CA LYS A 96 -7.19 -3.17 5.24
C LYS A 96 -7.34 -2.70 3.79
N ILE A 97 -8.46 -3.01 3.14
CA ILE A 97 -8.61 -2.79 1.66
C ILE A 97 -8.71 -1.28 1.41
N TRP A 98 -9.40 -0.56 2.28
CA TRP A 98 -9.52 0.91 2.15
C TRP A 98 -8.23 1.61 2.54
N HIS A 99 -7.38 0.99 3.36
CA HIS A 99 -5.98 1.46 3.51
C HIS A 99 -5.24 1.25 2.19
N LEU A 100 -5.30 0.03 1.67
CA LEU A 100 -4.47 -0.32 0.50
C LEU A 100 -4.86 0.55 -0.67
N CYS A 101 -6.14 0.78 -0.83
CA CYS A 101 -6.63 1.76 -1.82
C CYS A 101 -6.05 3.17 -1.56
N ALA A 102 -6.18 3.65 -0.32
CA ALA A 102 -5.82 5.04 0.05
C ALA A 102 -4.30 5.24 -0.04
N ILE A 103 -3.47 4.19 0.09
CA ILE A 103 -2.01 4.33 -0.07
C ILE A 103 -1.74 4.63 -1.54
N SER A 104 -2.24 3.74 -2.39
CA SER A 104 -2.12 3.80 -3.87
C SER A 104 -2.68 5.13 -4.37
N LEU A 105 -3.75 5.61 -3.74
CA LEU A 105 -4.32 6.93 -4.07
C LEU A 105 -3.35 8.04 -3.66
N ASP A 106 -2.89 8.03 -2.41
CA ASP A 106 -2.01 9.07 -1.80
C ASP A 106 -0.66 9.08 -2.54
N ARG A 107 -0.20 7.92 -2.99
CA ARG A 107 1.08 7.75 -3.72
C ARG A 107 0.95 8.43 -5.10
N TYR A 108 -0.17 8.27 -5.76
CA TYR A 108 -0.36 8.82 -7.12
C TYR A 108 -0.45 10.34 -7.02
N VAL A 109 -1.19 10.87 -6.04
CA VAL A 109 -1.42 12.34 -5.90
C VAL A 109 -0.09 13.00 -5.52
N ALA A 110 0.80 12.25 -4.85
CA ALA A 110 2.16 12.68 -4.49
C ALA A 110 2.98 12.92 -5.76
N ILE A 111 2.75 12.18 -6.83
CA ILE A 111 3.57 12.36 -8.07
C ILE A 111 2.97 13.48 -8.93
N GLN A 112 1.65 13.58 -8.99
CA GLN A 112 0.97 14.55 -9.87
C GLN A 112 1.01 15.92 -9.20
N ASN A 113 1.21 15.94 -7.88
CA ASN A 113 1.32 17.23 -7.15
C ASN A 113 2.53 17.18 -6.24
N PRO A 114 3.77 17.33 -6.79
CA PRO A 114 4.97 17.28 -5.98
C PRO A 114 4.95 18.39 -4.92
N ILE A 115 4.49 19.59 -5.29
CA ILE A 115 4.38 20.72 -4.33
C ILE A 115 3.39 20.35 -3.21
N HIS A 116 2.26 19.73 -3.56
CA HIS A 116 1.23 19.36 -2.55
C HIS A 116 1.81 18.33 -1.59
N HIS A 117 2.64 17.41 -2.07
CA HIS A 117 3.22 16.34 -1.22
C HIS A 117 4.04 16.97 -0.11
N SER A 118 4.81 18.02 -0.40
CA SER A 118 5.59 18.74 0.64
C SER A 118 4.62 19.30 1.68
N ARG A 119 3.52 19.89 1.24
CA ARG A 119 2.48 20.41 2.18
C ARG A 119 1.80 19.23 2.89
N PHE A 120 1.58 18.09 2.22
CA PHE A 120 0.83 16.94 2.80
C PHE A 120 1.77 16.01 3.55
N ASN A 121 3.03 16.42 3.75
CA ASN A 121 4.03 15.62 4.50
C ASN A 121 3.60 15.46 5.96
N SER A 122 2.78 16.38 6.47
CA SER A 122 2.45 16.42 7.93
C SER A 122 1.94 15.06 8.41
N ARG A 123 2.43 14.60 9.55
CA ARG A 123 1.93 13.36 10.20
C ARG A 123 0.45 13.55 10.51
N THR A 124 0.07 14.76 10.91
CA THR A 124 -1.34 15.09 11.23
C THR A 124 -2.19 14.88 9.97
N LYS A 125 -1.70 15.31 8.82
CA LYS A 125 -2.44 15.09 7.56
C LYS A 125 -2.58 13.59 7.32
N ALA A 126 -1.50 12.84 7.53
CA ALA A 126 -1.53 11.37 7.36
C ALA A 126 -2.56 10.75 8.31
N PHE A 127 -2.53 11.14 9.58
CA PHE A 127 -3.43 10.58 10.61
C PHE A 127 -4.88 10.96 10.29
N LEU A 128 -5.11 12.16 9.80
CA LEU A 128 -6.47 12.58 9.41
C LEU A 128 -6.97 11.62 8.34
N LYS A 129 -6.11 11.27 7.39
CA LYS A 129 -6.51 10.37 6.27
C LYS A 129 -6.76 8.97 6.81
N ILE A 130 -5.96 8.53 7.78
CA ILE A 130 -6.21 7.20 8.38
C ILE A 130 -7.58 7.25 9.08
N ILE A 131 -7.80 8.28 9.89
CA ILE A 131 -9.02 8.44 10.72
C ILE A 131 -10.25 8.62 9.81
N ALA A 132 -10.07 9.16 8.61
CA ALA A 132 -11.11 9.11 7.54
C ALA A 132 -11.42 7.65 7.21
N VAL A 133 -10.42 6.79 7.08
CA VAL A 133 -10.62 5.42 6.56
C VAL A 133 -11.28 4.55 7.62
N TRP A 134 -10.82 4.62 8.86
CA TRP A 134 -11.38 3.77 9.95
C TRP A 134 -12.84 4.14 10.16
N THR A 135 -13.16 5.44 10.15
CA THR A 135 -14.57 5.88 10.32
C THR A 135 -15.37 5.64 9.04
N ILE A 136 -14.73 5.46 7.89
CA ILE A 136 -15.48 4.91 6.72
C ILE A 136 -15.77 3.43 7.00
N SER A 137 -14.79 2.66 7.51
CA SER A 137 -14.91 1.19 7.68
C SER A 137 -15.87 0.84 8.82
N VAL A 138 -15.89 1.65 9.88
CA VAL A 138 -16.90 1.48 10.96
C VAL A 138 -18.29 1.83 10.39
N GLY A 139 -18.38 2.85 9.51
CA GLY A 139 -19.62 3.22 8.79
C GLY A 139 -20.14 2.09 7.92
N ILE A 140 -19.27 1.45 7.16
CA ILE A 140 -19.70 0.37 6.23
C ILE A 140 -20.05 -0.90 7.00
N SER A 141 -19.26 -1.28 7.99
CA SER A 141 -19.47 -2.57 8.71
C SER A 141 -20.65 -2.50 9.71
N MET A 142 -21.21 -1.31 10.00
CA MET A 142 -22.23 -1.04 11.05
C MET A 142 -23.58 -1.76 10.88
N PRO A 143 -24.15 -2.06 9.68
CA PRO A 143 -25.30 -2.97 9.61
C PRO A 143 -25.17 -4.34 10.27
N ILE A 144 -23.97 -4.92 10.35
CA ILE A 144 -23.74 -6.28 10.91
C ILE A 144 -24.10 -6.35 12.39
N PRO A 145 -23.69 -5.44 13.30
CA PRO A 145 -24.34 -5.48 14.61
C PRO A 145 -25.75 -4.85 14.65
N VAL A 146 -26.06 -3.80 13.90
CA VAL A 146 -27.32 -3.02 14.09
C VAL A 146 -28.50 -3.90 13.70
N PHE A 147 -28.34 -4.68 12.63
CA PHE A 147 -29.37 -5.63 12.16
C PHE A 147 -29.12 -7.04 12.72
N GLY A 148 -27.89 -7.54 12.75
CA GLY A 148 -27.62 -8.95 13.13
C GLY A 148 -27.91 -9.25 14.60
N LEU A 149 -27.79 -8.27 15.47
CA LEU A 149 -28.04 -8.51 16.91
C LEU A 149 -29.54 -8.63 17.11
N GLN A 150 -30.25 -7.99 16.23
CA GLN A 150 -31.71 -7.85 16.33
C GLN A 150 -32.38 -9.08 15.74
N ASP A 151 -31.69 -9.78 14.83
CA ASP A 151 -32.22 -10.96 14.11
C ASP A 151 -31.10 -11.98 14.03
N ASP A 152 -31.18 -13.07 14.79
CA ASP A 152 -30.14 -14.13 14.81
C ASP A 152 -30.07 -14.86 13.47
N SER A 153 -31.09 -14.77 12.62
CA SER A 153 -31.13 -15.49 11.33
C SER A 153 -30.19 -14.84 10.30
N LYS A 154 -29.80 -13.57 10.49
CA LYS A 154 -28.82 -12.86 9.63
C LYS A 154 -27.38 -13.24 9.98
N VAL A 155 -27.12 -13.87 11.13
CA VAL A 155 -25.73 -14.20 11.60
C VAL A 155 -25.61 -15.66 12.02
N PHE A 156 -26.70 -16.42 12.06
CA PHE A 156 -26.61 -17.87 12.34
C PHE A 156 -27.24 -18.65 11.20
N LYS A 157 -26.52 -19.65 10.76
CA LYS A 157 -27.02 -20.63 9.79
C LYS A 157 -26.80 -21.96 10.46
N GLU A 158 -27.80 -22.34 11.26
CA GLU A 158 -27.99 -23.68 11.87
C GLU A 158 -26.88 -23.96 12.88
N GLY A 159 -26.84 -23.13 13.91
CA GLY A 159 -25.91 -23.28 15.02
C GLY A 159 -24.51 -22.85 14.62
N SER A 160 -24.31 -22.42 13.38
CA SER A 160 -22.99 -21.98 12.86
C SER A 160 -23.07 -20.47 12.81
N CYS A 161 -22.12 -19.80 13.43
CA CYS A 161 -22.02 -18.33 13.38
C CYS A 161 -21.28 -17.92 12.12
N LEU A 162 -21.98 -17.32 11.19
CA LEU A 162 -21.40 -16.89 9.89
C LEU A 162 -22.35 -15.83 9.35
N LEU A 163 -21.90 -15.00 8.41
CA LEU A 163 -22.82 -13.99 7.84
C LEU A 163 -23.80 -14.74 6.93
N ALA A 164 -24.97 -15.05 7.47
CA ALA A 164 -26.01 -15.84 6.74
C ALA A 164 -26.75 -14.95 5.75
N ASP A 165 -26.94 -13.65 6.04
CA ASP A 165 -27.76 -12.74 5.20
C ASP A 165 -27.05 -12.56 3.85
N ASP A 166 -27.80 -12.55 2.76
CA ASP A 166 -27.27 -12.64 1.38
C ASP A 166 -27.23 -11.25 0.75
N ASN A 167 -28.04 -10.32 1.21
CA ASN A 167 -27.91 -8.91 0.78
C ASN A 167 -26.72 -8.28 1.48
N PHE A 168 -26.32 -8.77 2.65
CA PHE A 168 -25.11 -8.24 3.32
C PHE A 168 -23.90 -8.77 2.54
N VAL A 169 -23.92 -10.04 2.14
CA VAL A 169 -22.77 -10.65 1.41
C VAL A 169 -22.71 -10.04 0.00
N LEU A 170 -23.82 -9.68 -0.62
CA LEU A 170 -23.74 -9.17 -2.01
C LEU A 170 -23.42 -7.68 -2.01
N ILE A 171 -24.26 -6.85 -1.43
CA ILE A 171 -24.08 -5.37 -1.49
C ILE A 171 -22.76 -5.01 -0.83
N GLY A 172 -22.47 -5.59 0.33
CA GLY A 172 -21.19 -5.35 0.99
C GLY A 172 -20.02 -5.66 0.07
N SER A 173 -20.06 -6.77 -0.65
CA SER A 173 -18.95 -7.19 -1.55
C SER A 173 -18.67 -6.13 -2.63
N PHE A 174 -19.65 -5.32 -3.00
CA PHE A 174 -19.43 -4.42 -4.15
C PHE A 174 -19.31 -3.00 -3.62
N VAL A 175 -20.00 -2.69 -2.55
CA VAL A 175 -19.78 -1.39 -1.88
C VAL A 175 -18.41 -1.47 -1.24
N SER A 176 -18.16 -2.42 -0.35
CA SER A 176 -16.90 -2.35 0.44
C SER A 176 -15.72 -3.06 -0.25
N PHE A 177 -15.87 -3.75 -1.38
CA PHE A 177 -14.69 -4.48 -1.93
C PHE A 177 -14.50 -4.45 -3.46
N PHE A 178 -15.31 -3.77 -4.25
CA PHE A 178 -14.86 -3.55 -5.64
C PHE A 178 -14.84 -2.06 -5.92
N ILE A 179 -15.56 -1.24 -5.17
CA ILE A 179 -15.31 0.23 -5.21
C ILE A 179 -13.90 0.58 -4.72
N PRO A 180 -13.36 0.15 -3.56
CA PRO A 180 -11.95 0.45 -3.30
C PRO A 180 -10.95 -0.48 -4.01
N LEU A 181 -11.40 -1.56 -4.62
CA LEU A 181 -10.47 -2.37 -5.42
C LEU A 181 -10.24 -1.70 -6.77
N THR A 182 -11.29 -1.09 -7.32
CA THR A 182 -11.23 -0.40 -8.63
C THR A 182 -10.25 0.75 -8.50
N ILE A 183 -10.42 1.50 -7.44
CA ILE A 183 -9.64 2.74 -7.26
C ILE A 183 -8.17 2.33 -7.02
N MET A 184 -7.94 1.17 -6.44
CA MET A 184 -6.55 0.74 -6.21
C MET A 184 -5.92 0.31 -7.52
N VAL A 185 -6.61 -0.50 -8.34
CA VAL A 185 -6.01 -1.05 -9.60
C VAL A 185 -5.92 0.05 -10.70
N ILE A 186 -6.82 1.05 -10.71
CA ILE A 186 -6.67 2.26 -11.56
C ILE A 186 -5.44 3.01 -11.11
N THR A 187 -5.34 3.37 -9.82
CA THR A 187 -4.30 4.33 -9.38
C THR A 187 -2.92 3.67 -9.27
N TYR A 188 -2.84 2.36 -9.05
CA TYR A 188 -1.54 1.67 -9.17
C TYR A 188 -1.08 1.68 -10.63
N PHE A 189 -2.00 1.46 -11.59
CA PHE A 189 -1.65 1.41 -13.02
C PHE A 189 -1.15 2.79 -13.43
N LEU A 190 -1.88 3.82 -13.04
CA LEU A 190 -1.52 5.20 -13.44
C LEU A 190 -0.26 5.64 -12.72
N THR A 191 0.04 5.13 -11.51
CA THR A 191 1.28 5.48 -10.76
C THR A 191 2.50 4.92 -11.51
N ILE A 192 2.38 3.70 -12.05
CA ILE A 192 3.43 3.10 -12.91
C ILE A 192 3.61 4.01 -14.12
N LYS A 193 2.52 4.47 -14.72
CA LYS A 193 2.63 5.28 -15.96
C LYS A 193 3.18 6.68 -15.65
N SER A 194 2.82 7.31 -14.54
CA SER A 194 3.39 8.64 -14.18
C SER A 194 4.88 8.49 -13.89
N LEU A 195 5.34 7.39 -13.31
CA LEU A 195 6.80 7.23 -13.09
C LEU A 195 7.47 6.64 -14.33
N GLN A 196 6.71 6.13 -15.29
CA GLN A 196 7.34 5.73 -16.57
C GLN A 196 7.56 7.01 -17.39
N LYS A 197 6.60 7.92 -17.39
CA LYS A 197 6.64 9.14 -18.24
C LYS A 197 7.76 10.06 -17.76
N GLU A 198 7.87 10.24 -16.46
CA GLU A 198 8.80 11.23 -15.89
C GLU A 198 10.22 10.65 -15.91
N ALA A 199 10.37 9.35 -15.83
CA ALA A 199 11.69 8.72 -16.11
C ALA A 199 12.08 8.92 -17.57
N ALA A 200 11.10 8.79 -18.46
CA ALA A 200 11.29 8.98 -19.91
C ALA A 200 11.51 10.47 -20.19
N ASP A 201 10.81 11.36 -19.49
CA ASP A 201 11.08 12.82 -19.66
C ASP A 201 12.47 13.21 -19.14
N LEU A 202 13.02 12.55 -18.11
CA LEU A 202 14.36 12.93 -17.62
C LEU A 202 15.43 12.43 -18.59
N GLU A 203 15.18 11.32 -19.26
CA GLU A 203 16.13 10.86 -20.30
C GLU A 203 16.07 11.83 -21.49
N ASP A 204 14.92 12.48 -21.73
CA ASP A 204 14.76 13.53 -22.77
C ASP A 204 15.66 14.72 -22.43
N ASN A 205 15.62 15.20 -21.19
CA ASN A 205 16.38 16.40 -20.81
C ASN A 205 17.83 16.09 -20.47
N TRP A 206 18.16 14.83 -20.15
CA TRP A 206 19.57 14.37 -20.13
C TRP A 206 20.18 14.51 -21.53
N GLU A 207 19.49 14.09 -22.58
CA GLU A 207 20.15 13.99 -23.91
C GLU A 207 20.17 15.36 -24.57
N THR A 208 19.22 16.25 -24.29
CA THR A 208 19.32 17.62 -24.86
C THR A 208 20.29 18.53 -24.10
N LEU A 209 20.50 18.34 -22.79
CA LEU A 209 21.62 19.08 -22.13
C LEU A 209 22.95 18.54 -22.64
N ASN A 210 23.12 17.21 -22.71
CA ASN A 210 24.35 16.57 -23.25
C ASN A 210 24.48 16.92 -24.74
N ASP A 211 23.39 17.16 -25.47
CA ASP A 211 23.56 17.59 -26.88
C ASP A 211 24.08 19.02 -26.96
N ASN A 212 23.62 19.93 -26.11
CA ASN A 212 24.12 21.32 -26.24
C ASN A 212 25.52 21.48 -25.63
N LEU A 213 25.94 20.55 -24.78
CA LEU A 213 27.33 20.59 -24.30
C LEU A 213 28.28 20.08 -25.40
N LYS A 214 27.80 19.28 -26.37
CA LYS A 214 28.56 19.10 -27.64
C LYS A 214 28.65 20.44 -28.39
N VAL A 215 27.53 21.19 -28.48
CA VAL A 215 27.34 22.31 -29.45
C VAL A 215 28.20 23.48 -29.03
N ILE A 216 28.22 23.77 -27.73
CA ILE A 216 28.90 24.99 -27.27
C ILE A 216 30.41 24.76 -27.42
N GLU A 217 30.92 23.56 -27.09
CA GLU A 217 32.39 23.30 -27.16
C GLU A 217 32.83 23.05 -28.61
N LYS A 218 31.92 22.96 -29.58
CA LYS A 218 32.32 23.04 -31.02
C LYS A 218 32.30 24.50 -31.53
N ALA A 219 31.41 25.36 -31.00
CA ALA A 219 30.87 26.55 -31.70
C ALA A 219 31.96 27.59 -32.01
N ASP A 220 31.62 28.51 -32.92
CA ASP A 220 32.51 29.62 -33.32
C ASP A 220 31.96 30.91 -32.74
N ASN A 221 30.70 31.23 -32.98
CA ASN A 221 30.22 32.61 -32.68
C ASN A 221 29.40 32.65 -31.38
N ALA A 222 28.97 33.85 -31.02
CA ALA A 222 28.14 34.09 -29.82
C ALA A 222 26.67 33.89 -30.15
N ALA A 223 26.31 33.47 -31.36
CA ALA A 223 24.91 33.15 -31.68
C ALA A 223 24.72 31.65 -31.56
N GLN A 224 25.78 30.87 -31.81
CA GLN A 224 25.72 29.40 -31.69
C GLN A 224 25.93 28.98 -30.25
N VAL A 225 26.32 29.90 -29.37
CA VAL A 225 26.41 29.55 -27.93
C VAL A 225 25.13 30.07 -27.28
N LYS A 226 24.64 31.25 -27.72
CA LYS A 226 23.50 31.95 -27.08
C LYS A 226 22.25 31.09 -27.23
N ASP A 227 22.00 30.63 -28.46
CA ASP A 227 20.88 29.73 -28.80
C ASP A 227 21.04 28.43 -27.99
N ALA A 228 22.26 27.87 -27.95
CA ALA A 228 22.52 26.55 -27.33
C ALA A 228 22.43 26.63 -25.81
N LEU A 229 22.68 27.78 -25.23
CA LEU A 229 22.40 27.96 -23.79
C LEU A 229 20.91 28.25 -23.56
N THR A 230 20.22 28.87 -24.54
CA THR A 230 18.80 29.21 -24.43
C THR A 230 18.01 27.91 -24.43
N LYS A 231 18.47 26.95 -25.21
CA LYS A 231 17.85 25.60 -25.23
C LYS A 231 18.28 24.78 -24.00
N MET A 232 19.44 25.07 -23.40
CA MET A 232 19.78 24.41 -22.11
C MET A 232 18.90 24.96 -20.97
N ARG A 233 18.75 26.29 -20.88
CA ARG A 233 18.05 26.99 -19.77
C ARG A 233 16.55 26.65 -19.81
N ALA A 234 15.97 26.57 -21.00
CA ALA A 234 14.55 26.20 -21.17
C ALA A 234 14.36 24.75 -20.66
N ALA A 235 15.22 23.85 -21.11
CA ALA A 235 15.11 22.39 -20.82
C ALA A 235 15.74 22.07 -19.47
N ALA A 236 16.29 23.05 -18.75
CA ALA A 236 16.71 22.87 -17.33
C ALA A 236 15.56 23.29 -16.41
N LEU A 237 14.78 24.29 -16.81
CA LEU A 237 13.47 24.58 -16.18
C LEU A 237 12.53 23.38 -16.30
N ASP A 238 12.62 22.55 -17.33
CA ASP A 238 11.68 21.41 -17.53
C ASP A 238 11.98 20.28 -16.53
N ALA A 239 13.11 20.26 -15.83
CA ALA A 239 13.37 19.23 -14.77
C ALA A 239 12.84 19.67 -13.38
N GLY A 240 12.31 20.90 -13.19
CA GLY A 240 11.67 21.36 -11.93
C GLY A 240 10.16 21.13 -11.92
N ASP A 245 15.99 25.55 -10.17
CA ASP A 245 16.35 26.95 -9.82
C ASP A 245 17.87 27.05 -9.60
N ILE A 246 18.45 25.94 -9.16
CA ILE A 246 19.87 25.78 -8.71
C ILE A 246 20.85 26.15 -9.85
N LEU A 247 20.55 25.76 -11.08
CA LEU A 247 21.52 25.65 -12.20
C LEU A 247 21.19 26.74 -13.22
N VAL A 248 19.98 27.27 -13.15
CA VAL A 248 19.41 28.20 -14.16
C VAL A 248 20.19 29.52 -14.15
N GLY A 249 20.45 30.07 -12.97
CA GLY A 249 21.21 31.34 -12.82
C GLY A 249 22.66 31.14 -13.19
N GLN A 250 23.17 29.91 -13.11
CA GLN A 250 24.57 29.61 -13.53
C GLN A 250 24.64 29.54 -15.05
N ILE A 251 23.52 29.17 -15.68
CA ILE A 251 23.32 29.25 -17.15
C ILE A 251 23.04 30.71 -17.50
N ASP A 252 22.33 31.44 -16.66
CA ASP A 252 22.12 32.90 -16.86
C ASP A 252 23.44 33.63 -16.66
N ASP A 253 24.30 33.12 -15.78
CA ASP A 253 25.69 33.62 -15.64
C ASP A 253 26.39 33.37 -16.98
N ALA A 254 26.22 32.18 -17.56
CA ALA A 254 26.81 31.86 -18.89
C ALA A 254 26.04 32.61 -19.99
N LEU A 255 24.79 32.99 -19.77
CA LEU A 255 23.96 33.57 -20.88
C LEU A 255 24.46 34.98 -21.18
N LYS A 256 24.80 35.76 -20.14
CA LYS A 256 25.21 37.18 -20.29
C LYS A 256 26.59 37.25 -20.96
N LEU A 257 27.41 36.19 -20.91
CA LEU A 257 28.72 36.15 -21.62
C LEU A 257 28.50 35.93 -23.12
N ALA A 258 27.46 35.19 -23.49
CA ALA A 258 27.10 34.96 -24.90
C ALA A 258 26.43 36.23 -25.45
N ASN A 259 25.70 36.94 -24.60
CA ASN A 259 24.93 38.14 -24.99
C ASN A 259 25.88 39.31 -25.23
N GLU A 260 27.07 39.27 -24.67
CA GLU A 260 28.09 40.33 -24.93
C GLU A 260 29.02 39.89 -26.07
N GLY A 261 29.17 38.59 -26.35
CA GLY A 261 30.09 38.12 -27.41
C GLY A 261 31.33 37.42 -26.88
N LYS A 262 31.45 37.14 -25.58
CA LYS A 262 32.66 36.51 -24.99
C LYS A 262 32.55 34.97 -25.08
N VAL A 263 32.87 34.43 -26.26
CA VAL A 263 32.54 33.02 -26.64
C VAL A 263 33.46 32.03 -25.92
N LYS A 264 34.79 32.20 -25.97
CA LYS A 264 35.78 31.27 -25.33
C LYS A 264 35.52 31.26 -23.83
N GLU A 265 35.04 32.40 -23.33
CA GLU A 265 34.68 32.72 -21.93
C GLU A 265 33.30 32.14 -21.59
N ALA A 266 32.34 32.13 -22.53
CA ALA A 266 31.03 31.46 -22.31
C ALA A 266 31.18 29.94 -22.43
N GLN A 267 32.08 29.43 -23.27
CA GLN A 267 32.32 27.96 -23.47
C GLN A 267 32.94 27.36 -22.21
N ALA A 268 33.77 28.15 -21.51
CA ALA A 268 34.49 27.67 -20.30
C ALA A 268 33.48 27.54 -19.14
N ALA A 269 32.47 28.43 -19.10
CA ALA A 269 31.40 28.44 -18.07
C ALA A 269 30.55 27.18 -18.23
N ALA A 270 30.30 26.77 -19.46
CA ALA A 270 29.41 25.64 -19.80
C ALA A 270 30.05 24.32 -19.35
N GLU A 271 31.39 24.26 -19.34
CA GLU A 271 32.12 23.06 -18.86
C GLU A 271 31.95 22.96 -17.33
N GLN A 272 31.85 24.11 -16.66
CA GLN A 272 31.60 24.16 -15.20
C GLN A 272 30.16 23.69 -14.93
N LEU A 273 29.21 23.95 -15.84
CA LEU A 273 27.82 23.47 -15.70
C LEU A 273 27.76 21.94 -15.80
N LYS A 274 28.67 21.31 -16.55
CA LYS A 274 28.62 19.86 -16.83
C LYS A 274 28.48 19.07 -15.53
N THR A 275 29.29 19.33 -14.53
CA THR A 275 29.28 18.50 -13.32
C THR A 275 28.03 18.81 -12.50
N THR A 276 27.53 20.05 -12.54
CA THR A 276 26.27 20.48 -11.87
C THR A 276 25.12 19.64 -12.42
N ILE A 277 25.16 19.38 -13.71
CA ILE A 277 24.08 18.61 -14.38
C ILE A 277 24.17 17.15 -13.95
N ASN A 278 25.35 16.52 -14.01
CA ASN A 278 25.55 15.11 -13.59
C ASN A 278 25.20 14.92 -12.11
N ALA A 279 25.37 15.93 -11.26
CA ALA A 279 24.92 15.87 -9.86
C ALA A 279 23.39 15.89 -9.82
N TYR A 280 22.73 16.80 -10.54
CA TYR A 280 21.25 16.96 -10.49
C TYR A 280 20.59 15.80 -11.25
N ILE A 281 21.30 15.11 -12.13
CA ILE A 281 20.70 14.00 -12.94
C ILE A 281 20.80 12.70 -12.14
N GLN A 282 21.96 12.38 -11.57
CA GLN A 282 22.16 11.17 -10.73
C GLN A 282 21.25 11.29 -9.51
N LYS A 283 20.88 12.50 -9.07
CA LYS A 283 20.04 12.70 -7.86
C LYS A 283 18.60 12.33 -8.19
N TYR A 284 17.93 13.11 -9.04
CA TYR A 284 16.49 12.89 -9.40
C TYR A 284 16.34 11.56 -10.18
N GLY A 285 17.37 11.09 -10.90
CA GLY A 285 17.30 9.80 -11.61
C GLY A 285 17.41 8.62 -10.67
N GLN A 286 17.95 8.83 -9.47
CA GLN A 286 17.92 7.80 -8.41
C GLN A 286 16.63 7.96 -7.64
N SER A 287 15.98 9.12 -7.71
CA SER A 287 14.70 9.36 -6.99
C SER A 287 13.58 8.56 -7.66
N ILE A 288 13.52 8.58 -8.98
CA ILE A 288 12.51 7.82 -9.77
C ILE A 288 12.80 6.33 -9.57
N SER A 289 14.08 5.96 -9.46
CA SER A 289 14.53 4.56 -9.26
C SER A 289 13.95 4.06 -7.96
N ASN A 290 13.98 4.94 -6.94
CA ASN A 290 13.55 4.54 -5.57
C ASN A 290 12.04 4.47 -5.51
N GLU A 291 11.33 5.41 -6.13
CA GLU A 291 9.85 5.38 -6.13
C GLU A 291 9.37 4.15 -6.89
N GLN A 292 9.95 3.86 -8.05
CA GLN A 292 9.59 2.65 -8.84
C GLN A 292 10.01 1.40 -8.06
N LYS A 293 11.01 1.48 -7.19
CA LYS A 293 11.34 0.32 -6.32
C LYS A 293 10.20 0.15 -5.32
N ALA A 294 9.73 1.26 -4.72
CA ALA A 294 8.70 1.26 -3.65
C ALA A 294 7.34 0.86 -4.20
N CYS A 295 7.03 1.30 -5.40
CA CYS A 295 5.75 1.02 -6.09
C CYS A 295 5.68 -0.50 -6.32
N LYS A 296 6.82 -1.14 -6.64
CA LYS A 296 6.90 -2.59 -6.94
C LYS A 296 6.53 -3.37 -5.66
N VAL A 297 7.06 -2.93 -4.53
CA VAL A 297 6.90 -3.65 -3.23
C VAL A 297 5.47 -3.45 -2.72
N LEU A 298 4.93 -2.24 -2.88
CA LEU A 298 3.53 -1.95 -2.48
C LEU A 298 2.61 -2.71 -3.40
N GLY A 299 3.01 -2.98 -4.62
CA GLY A 299 2.22 -3.85 -5.52
C GLY A 299 2.11 -5.26 -4.97
N ILE A 300 3.17 -5.80 -4.38
CA ILE A 300 3.17 -7.20 -3.83
C ILE A 300 2.21 -7.26 -2.62
N VAL A 301 2.19 -6.20 -1.81
CA VAL A 301 1.19 -6.06 -0.73
C VAL A 301 -0.21 -6.05 -1.34
N PHE A 302 -0.37 -5.30 -2.42
CA PHE A 302 -1.67 -5.12 -3.12
C PHE A 302 -2.08 -6.45 -3.78
N PHE A 303 -1.12 -7.15 -4.36
CA PHE A 303 -1.38 -8.37 -5.18
C PHE A 303 -1.72 -9.54 -4.26
N LEU A 304 -1.00 -9.66 -3.14
CA LEU A 304 -1.20 -10.81 -2.22
C LEU A 304 -2.47 -10.62 -1.40
N PHE A 305 -2.92 -9.38 -1.18
CA PHE A 305 -4.25 -9.19 -0.56
C PHE A 305 -5.31 -9.78 -1.49
N VAL A 306 -5.21 -9.44 -2.77
CA VAL A 306 -6.26 -9.74 -3.76
C VAL A 306 -6.26 -11.25 -4.00
N VAL A 307 -5.11 -11.84 -4.20
CA VAL A 307 -5.02 -13.30 -4.51
C VAL A 307 -5.47 -14.15 -3.34
N MET A 308 -5.01 -13.87 -2.13
CA MET A 308 -5.28 -14.79 -0.98
C MET A 308 -6.72 -14.66 -0.47
N TRP A 309 -7.32 -13.49 -0.63
CA TRP A 309 -8.76 -13.38 -0.30
C TRP A 309 -9.62 -13.81 -1.48
N CYS A 310 -9.04 -14.06 -2.64
CA CYS A 310 -9.86 -14.29 -3.84
C CYS A 310 -10.61 -15.62 -3.79
N PRO A 311 -10.07 -16.80 -3.37
CA PRO A 311 -10.90 -17.97 -3.26
C PRO A 311 -12.05 -17.78 -2.26
N PHE A 312 -11.82 -17.06 -1.15
CA PHE A 312 -12.91 -16.78 -0.18
C PHE A 312 -13.94 -15.88 -0.85
N PHE A 313 -13.50 -14.95 -1.68
CA PHE A 313 -14.41 -13.89 -2.17
C PHE A 313 -15.32 -14.49 -3.26
N ILE A 314 -14.78 -15.33 -4.15
CA ILE A 314 -15.58 -15.91 -5.26
C ILE A 314 -16.57 -16.93 -4.70
N THR A 315 -16.11 -17.85 -3.85
CA THR A 315 -16.91 -19.01 -3.39
C THR A 315 -18.04 -18.53 -2.48
N ASN A 316 -17.85 -17.43 -1.77
CA ASN A 316 -18.91 -16.84 -0.92
C ASN A 316 -20.00 -16.26 -1.82
N ILE A 317 -19.60 -15.74 -2.98
CA ILE A 317 -20.57 -15.20 -3.97
C ILE A 317 -21.23 -16.36 -4.72
N MET A 318 -20.53 -17.48 -4.93
CA MET A 318 -21.17 -18.68 -5.56
C MET A 318 -22.09 -19.38 -4.56
N ALA A 319 -21.98 -19.13 -3.25
CA ALA A 319 -22.96 -19.61 -2.24
C ALA A 319 -24.33 -18.93 -2.49
N VAL A 320 -24.28 -17.71 -3.01
CA VAL A 320 -25.46 -16.84 -3.12
C VAL A 320 -26.05 -16.98 -4.51
N ILE A 321 -25.23 -17.25 -5.52
CA ILE A 321 -25.72 -17.43 -6.94
C ILE A 321 -26.37 -18.81 -7.09
N CYS A 322 -25.63 -19.90 -6.87
CA CYS A 322 -26.26 -21.24 -6.75
C CYS A 322 -26.65 -21.42 -5.27
N LYS A 323 -27.71 -20.73 -4.87
CA LYS A 323 -28.34 -20.97 -3.55
C LYS A 323 -29.08 -22.31 -3.65
N GLU A 324 -29.53 -22.64 -4.86
CA GLU A 324 -30.23 -23.90 -5.23
C GLU A 324 -29.25 -25.00 -5.66
N SER A 325 -28.52 -24.73 -6.75
CA SER A 325 -27.86 -25.75 -7.61
C SER A 325 -26.67 -26.46 -6.97
N CYS A 326 -26.13 -26.05 -5.80
CA CYS A 326 -24.79 -26.56 -5.38
C CYS A 326 -24.85 -27.17 -4.00
N ASN A 327 -23.86 -28.00 -3.69
CA ASN A 327 -23.61 -28.51 -2.31
C ASN A 327 -23.23 -27.33 -1.40
N GLU A 328 -24.20 -26.91 -0.60
CA GLU A 328 -24.07 -25.92 0.48
C GLU A 328 -23.07 -26.47 1.52
N ASP A 329 -22.97 -27.78 1.68
CA ASP A 329 -22.05 -28.38 2.68
C ASP A 329 -20.62 -28.29 2.15
N VAL A 330 -20.41 -28.51 0.84
CA VAL A 330 -19.06 -28.41 0.23
C VAL A 330 -18.63 -26.95 0.12
N ILE A 331 -19.53 -26.06 -0.27
CA ILE A 331 -19.23 -24.60 -0.32
C ILE A 331 -18.93 -24.10 1.10
N GLY A 332 -19.69 -24.56 2.09
CA GLY A 332 -19.40 -24.28 3.50
C GLY A 332 -18.08 -24.91 3.88
N ALA A 333 -17.71 -26.07 3.31
CA ALA A 333 -16.45 -26.72 3.71
C ALA A 333 -15.27 -26.08 2.98
N LEU A 334 -15.52 -25.36 1.89
CA LEU A 334 -14.40 -24.67 1.22
C LEU A 334 -14.19 -23.29 1.87
N LEU A 335 -15.25 -22.59 2.24
CA LEU A 335 -15.11 -21.23 2.80
C LEU A 335 -14.32 -21.33 4.10
N ASN A 336 -14.45 -22.45 4.80
CA ASN A 336 -13.80 -22.66 6.12
C ASN A 336 -12.29 -22.74 5.92
N VAL A 337 -11.82 -23.21 4.77
CA VAL A 337 -10.37 -23.27 4.37
C VAL A 337 -10.02 -21.86 3.86
N PHE A 338 -10.93 -21.31 3.07
CA PHE A 338 -10.63 -20.14 2.22
C PHE A 338 -10.54 -18.87 3.03
N VAL A 339 -11.18 -18.87 4.20
CA VAL A 339 -11.09 -17.73 5.14
C VAL A 339 -9.67 -17.74 5.73
N TRP A 340 -9.07 -18.92 5.93
CA TRP A 340 -7.73 -19.01 6.56
C TRP A 340 -6.62 -18.72 5.56
N ILE A 341 -6.90 -18.87 4.27
CA ILE A 341 -5.93 -18.41 3.26
C ILE A 341 -5.86 -16.88 3.41
N GLY A 342 -6.99 -16.22 3.57
CA GLY A 342 -7.03 -14.76 3.73
C GLY A 342 -6.58 -14.31 5.09
N TYR A 343 -6.71 -15.15 6.10
CA TYR A 343 -6.18 -14.78 7.43
C TYR A 343 -4.65 -14.75 7.33
N LEU A 344 -4.08 -15.69 6.55
CA LEU A 344 -2.61 -15.90 6.41
C LEU A 344 -1.97 -14.62 5.85
N ASN A 345 -2.71 -13.84 5.06
CA ASN A 345 -2.26 -12.56 4.47
C ASN A 345 -1.88 -11.54 5.55
N SER A 346 -2.45 -11.64 6.74
CA SER A 346 -2.05 -10.79 7.90
C SER A 346 -0.61 -11.11 8.30
N ALA A 347 -0.19 -12.34 8.14
CA ALA A 347 1.20 -12.73 8.43
C ALA A 347 2.16 -12.30 7.32
N VAL A 348 1.73 -11.98 6.09
CA VAL A 348 2.73 -11.85 4.97
C VAL A 348 3.03 -10.38 4.69
N ASN A 349 2.12 -9.46 5.00
CA ASN A 349 2.48 -8.02 4.94
C ASN A 349 3.77 -7.78 5.72
N PRO A 350 4.00 -8.30 6.96
CA PRO A 350 5.30 -8.07 7.58
C PRO A 350 6.47 -8.74 6.88
N LEU A 351 6.27 -9.92 6.32
CA LEU A 351 7.41 -10.68 5.77
C LEU A 351 7.85 -10.01 4.47
N VAL A 352 6.94 -9.33 3.76
CA VAL A 352 7.26 -8.66 2.48
C VAL A 352 8.27 -7.57 2.80
N TYR A 353 7.99 -6.79 3.84
CA TYR A 353 8.87 -5.65 4.19
C TYR A 353 10.25 -6.16 4.49
N THR A 354 10.33 -7.28 5.21
CA THR A 354 11.63 -7.89 5.58
C THR A 354 12.44 -8.22 4.33
N LEU A 355 11.80 -8.79 3.31
CA LEU A 355 12.58 -9.29 2.13
C LEU A 355 13.02 -8.11 1.28
N PHE A 356 12.26 -7.02 1.31
CA PHE A 356 12.31 -5.96 0.26
C PHE A 356 12.66 -4.59 0.84
N ASN A 357 12.80 -4.40 2.15
CA ASN A 357 13.29 -3.13 2.76
C ASN A 357 14.39 -3.46 3.77
N LYS A 358 15.60 -2.95 3.57
CA LYS A 358 16.71 -3.12 4.55
C LYS A 358 16.42 -2.27 5.78
N THR A 359 15.54 -1.28 5.69
CA THR A 359 15.24 -0.44 6.87
C THR A 359 14.32 -1.20 7.82
N TYR A 360 13.27 -1.83 7.29
CA TYR A 360 12.41 -2.76 8.07
C TYR A 360 13.21 -3.98 8.55
N ARG A 361 14.04 -4.56 7.69
CA ARG A 361 14.83 -5.80 7.97
C ARG A 361 15.81 -5.56 9.12
N SER A 362 16.49 -4.41 9.14
CA SER A 362 17.48 -4.06 10.19
C SER A 362 16.74 -3.87 11.49
N ALA A 363 15.59 -3.21 11.43
CA ALA A 363 14.84 -2.81 12.63
C ALA A 363 14.31 -4.08 13.29
N PHE A 364 13.77 -5.00 12.50
CA PHE A 364 13.21 -6.27 13.01
C PHE A 364 14.31 -7.05 13.68
N SER A 365 15.49 -7.10 13.06
CA SER A 365 16.64 -7.89 13.58
C SER A 365 17.04 -7.37 14.96
N ARG A 366 17.12 -6.04 15.12
CA ARG A 366 17.57 -5.44 16.40
C ARG A 366 16.54 -5.76 17.49
N TYR A 367 15.24 -5.69 17.21
CA TYR A 367 14.19 -5.89 18.23
C TYR A 367 14.20 -7.35 18.71
N ILE A 368 14.50 -8.27 17.82
CA ILE A 368 14.68 -9.70 18.17
C ILE A 368 15.88 -9.86 19.12
N GLN A 369 16.90 -9.01 19.02
CA GLN A 369 18.00 -9.02 20.03
C GLN A 369 17.74 -8.02 21.15
N CYS A 370 16.50 -7.50 21.23
CA CYS A 370 15.98 -6.51 22.22
C CYS A 370 16.85 -5.24 22.23
N GLN A 371 17.05 -4.62 21.06
CA GLN A 371 17.90 -3.41 20.90
C GLN A 371 17.07 -2.30 20.24
N TYR A 372 16.58 -1.35 21.02
CA TYR A 372 15.60 -0.31 20.57
C TYR A 372 16.27 1.06 20.35
N LYS A 373 17.60 1.16 20.43
CA LYS A 373 18.30 2.48 20.57
C LYS A 373 18.65 3.10 19.21
N GLU A 374 18.15 2.53 18.10
CA GLU A 374 18.27 3.04 16.71
C GLU A 374 19.75 3.31 16.39
#